data_7FE5
#
_entry.id   7FE5
#
_cell.length_a   73.820
_cell.length_b   73.820
_cell.length_c   244.670
_cell.angle_alpha   90.000
_cell.angle_beta   90.000
_cell.angle_gamma   90.000
#
_symmetry.space_group_name_H-M   'P 41 21 2'
#
loop_
_entity.id
_entity.type
_entity.pdbx_description
1 polymer AvmM
2 non-polymer 'CACODYLATE ION'
3 non-polymer 'CHLORIDE ION'
4 water water
#
_entity_poly.entity_id   1
_entity_poly.type   'polypeptide(L)'
_entity_poly.pdbx_seq_one_letter_code
;MGSSHHHHHHSSGLVPRGSHMTSTVSTDGPVYREYKGFRVNDNIVADFIGVPAVITPGETIEFSVFYTNRGRYAYPDTGL
NLVIWFSDRDDLRREDFKLFYKVSRADWQEQDPAKCWDPQFPAEGGVHIACQLSGPDGGILSKPDGTVPLPEVESVTAHV
RLAFREGITSEHAGIFALPGMLDAPGDKSIIPGLFGNVFGRLQQASFRLGEGPSSLY
;
_entity_poly.pdbx_strand_id   A,B,C
#
loop_
_chem_comp.id
_chem_comp.type
_chem_comp.name
_chem_comp.formula
CAC non-polymer 'CACODYLATE ION' 'C2 H6 As O2 -1'
CL non-polymer 'CHLORIDE ION' 'Cl -1'
#
# COMPACT_ATOMS: atom_id res chain seq x y z
N GLY A 29 -24.11 4.74 -16.86
CA GLY A 29 -23.13 5.67 -16.35
C GLY A 29 -22.83 5.52 -14.86
N PRO A 30 -21.58 5.70 -14.48
CA PRO A 30 -21.19 5.54 -13.07
C PRO A 30 -21.44 6.81 -12.27
N VAL A 31 -21.38 6.65 -10.96
CA VAL A 31 -21.64 7.75 -10.04
C VAL A 31 -20.37 8.57 -9.83
N TYR A 32 -20.47 9.88 -10.03
CA TYR A 32 -19.38 10.79 -9.78
C TYR A 32 -19.67 11.65 -8.56
N ARG A 33 -18.64 11.94 -7.79
CA ARG A 33 -18.70 12.97 -6.78
C ARG A 33 -17.95 14.18 -7.30
N GLU A 34 -18.32 15.36 -6.80
CA GLU A 34 -17.62 16.56 -7.19
C GLU A 34 -16.63 16.92 -6.09
N TYR A 35 -15.41 17.25 -6.51
CA TYR A 35 -14.34 17.64 -5.60
C TYR A 35 -13.51 18.70 -6.30
N LYS A 36 -13.51 19.91 -5.75
CA LYS A 36 -12.85 21.06 -6.38
C LYS A 36 -13.31 21.23 -7.83
N GLY A 37 -14.60 21.04 -8.05
CA GLY A 37 -15.20 21.26 -9.36
C GLY A 37 -14.94 20.20 -10.41
N PHE A 38 -14.33 19.07 -10.04
CA PHE A 38 -14.05 18.01 -10.98
C PHE A 38 -14.87 16.78 -10.63
N ARG A 39 -15.00 15.87 -11.59
CA ARG A 39 -15.77 14.66 -11.42
C ARG A 39 -14.83 13.49 -11.10
N VAL A 40 -15.12 12.81 -9.99
CA VAL A 40 -14.25 11.77 -9.44
C VAL A 40 -15.04 10.49 -9.29
N ASN A 41 -14.48 9.39 -9.80
CA ASN A 41 -15.02 8.04 -9.61
C ASN A 41 -14.06 7.31 -8.67
N ASP A 42 -14.49 7.09 -7.44
CA ASP A 42 -13.63 6.42 -6.47
C ASP A 42 -13.38 4.95 -6.78
N ASN A 43 -14.06 4.38 -7.78
CA ASN A 43 -13.84 2.98 -8.13
C ASN A 43 -12.58 2.76 -8.95
N ILE A 44 -11.97 3.82 -9.47
CA ILE A 44 -10.69 3.72 -10.16
C ILE A 44 -9.63 4.17 -9.17
N VAL A 45 -8.95 3.22 -8.54
CA VAL A 45 -8.01 3.52 -7.49
C VAL A 45 -6.59 3.43 -8.04
N ALA A 46 -5.61 3.79 -7.20
CA ALA A 46 -4.20 3.70 -7.56
C ALA A 46 -3.40 3.19 -6.36
N ASP A 47 -2.32 2.48 -6.65
CA ASP A 47 -1.41 1.95 -5.65
C ASP A 47 0.02 2.30 -6.05
N PHE A 48 0.85 2.57 -5.04
CA PHE A 48 2.29 2.79 -5.20
C PHE A 48 3.06 1.54 -4.75
N ILE A 49 4.21 1.29 -5.39
CA ILE A 49 5.13 0.24 -4.94
C ILE A 49 6.55 0.80 -4.95
N GLY A 50 7.27 0.65 -3.83
CA GLY A 50 8.68 0.98 -3.81
C GLY A 50 9.03 2.44 -3.63
N VAL A 51 8.07 3.30 -3.29
CA VAL A 51 8.39 4.68 -2.94
C VAL A 51 9.10 4.75 -1.60
N PRO A 52 10.30 5.30 -1.53
CA PRO A 52 10.96 5.47 -0.23
C PRO A 52 10.36 6.64 0.54
N ALA A 53 10.42 6.53 1.86
CA ALA A 53 9.93 7.60 2.71
C ALA A 53 10.93 8.75 2.85
N VAL A 54 12.18 8.55 2.44
CA VAL A 54 13.17 9.62 2.35
C VAL A 54 13.88 9.46 1.02
N ILE A 55 13.94 10.53 0.23
CA ILE A 55 14.64 10.58 -1.05
C ILE A 55 15.84 11.51 -0.91
N THR A 56 17.01 11.06 -1.40
CA THR A 56 18.21 11.90 -1.35
C THR A 56 18.22 12.86 -2.53
N PRO A 57 18.43 14.16 -2.31
CA PRO A 57 18.54 15.09 -3.43
C PRO A 57 19.65 14.65 -4.37
N GLY A 58 19.35 14.70 -5.67
CA GLY A 58 20.29 14.34 -6.70
C GLY A 58 20.24 12.89 -7.12
N GLU A 59 19.68 12.02 -6.29
CA GLU A 59 19.70 10.58 -6.54
C GLU A 59 18.46 10.15 -7.29
N THR A 60 18.62 9.14 -8.16
CA THR A 60 17.53 8.57 -8.94
C THR A 60 16.91 7.37 -8.22
N ILE A 61 15.59 7.40 -8.06
CA ILE A 61 14.85 6.25 -7.56
C ILE A 61 13.89 5.78 -8.65
N GLU A 62 13.56 4.50 -8.62
CA GLU A 62 12.54 3.95 -9.49
C GLU A 62 11.43 3.36 -8.65
N PHE A 63 10.18 3.67 -8.97
CA PHE A 63 9.05 3.05 -8.32
C PHE A 63 8.03 2.69 -9.39
N SER A 64 7.04 1.90 -9.00
CA SER A 64 5.93 1.59 -9.88
C SER A 64 4.68 2.09 -9.21
N VAL A 65 3.72 2.43 -10.05
CA VAL A 65 2.41 2.91 -9.66
C VAL A 65 1.43 2.39 -10.69
N PHE A 66 0.23 1.96 -10.24
CA PHE A 66 -0.73 1.39 -11.17
C PHE A 66 -2.14 1.77 -10.75
N TYR A 67 -3.01 1.99 -11.74
CA TYR A 67 -4.41 2.24 -11.48
C TYR A 67 -5.26 1.04 -11.89
N THR A 68 -6.29 0.76 -11.10
CA THR A 68 -7.10 -0.43 -11.23
C THR A 68 -8.57 -0.07 -11.24
N ASN A 69 -9.33 -0.75 -12.08
CA ASN A 69 -10.78 -0.57 -12.13
C ASN A 69 -11.41 -1.50 -11.11
N ARG A 70 -11.78 -0.94 -9.96
CA ARG A 70 -12.47 -1.67 -8.94
C ARG A 70 -13.99 -1.55 -9.05
N GLY A 71 -14.49 -0.98 -10.16
CA GLY A 71 -15.90 -0.85 -10.40
C GLY A 71 -16.36 -1.68 -11.60
N ARG A 72 -17.63 -1.45 -11.98
CA ARG A 72 -18.26 -2.26 -13.02
C ARG A 72 -18.40 -1.53 -14.34
N TYR A 73 -17.97 -0.27 -14.43
CA TYR A 73 -18.06 0.50 -15.66
C TYR A 73 -16.70 0.47 -16.35
N ALA A 74 -16.69 0.07 -17.63
CA ALA A 74 -15.45 -0.01 -18.40
C ALA A 74 -15.19 1.35 -19.03
N TYR A 75 -14.03 1.94 -18.74
CA TYR A 75 -13.78 3.25 -19.37
C TYR A 75 -13.17 3.05 -20.75
N PRO A 76 -13.55 3.90 -21.73
CA PRO A 76 -13.04 3.73 -23.10
C PRO A 76 -11.60 4.19 -23.33
N ASP A 77 -11.05 5.06 -22.48
CA ASP A 77 -9.67 5.52 -22.60
C ASP A 77 -9.22 6.04 -21.25
N THR A 78 -7.98 5.73 -20.86
CA THR A 78 -7.48 6.08 -19.53
C THR A 78 -5.99 6.45 -19.59
N GLY A 79 -5.56 7.22 -18.59
CA GLY A 79 -4.16 7.56 -18.42
C GLY A 79 -3.82 8.12 -17.04
N LEU A 80 -2.61 7.83 -16.57
CA LEU A 80 -2.22 8.24 -15.22
C LEU A 80 -1.68 9.66 -15.22
N ASN A 81 -2.01 10.40 -14.16
CA ASN A 81 -1.37 11.66 -13.82
C ASN A 81 -0.66 11.54 -12.47
N LEU A 82 0.50 12.18 -12.35
CA LEU A 82 1.25 12.21 -11.11
C LEU A 82 1.44 13.64 -10.64
N VAL A 83 1.20 13.88 -9.36
CA VAL A 83 1.39 15.19 -8.76
C VAL A 83 2.55 15.10 -7.79
N ILE A 84 3.58 15.92 -8.02
CA ILE A 84 4.70 16.08 -7.11
C ILE A 84 4.40 17.33 -6.28
N TRP A 85 4.44 17.21 -4.95
CA TRP A 85 4.02 18.34 -4.15
C TRP A 85 4.96 18.53 -2.96
N PHE A 86 5.37 19.77 -2.76
CA PHE A 86 6.12 20.18 -1.58
C PHE A 86 5.20 21.06 -0.75
N SER A 87 5.07 20.74 0.54
CA SER A 87 4.18 21.50 1.41
C SER A 87 4.84 22.72 2.04
N ASP A 88 6.18 22.74 2.11
CA ASP A 88 6.92 23.74 2.87
C ASP A 88 7.69 24.72 1.98
N ARG A 89 7.42 24.74 0.68
CA ARG A 89 8.00 25.75 -0.22
C ARG A 89 7.19 25.78 -1.50
N ASP A 90 7.24 26.92 -2.20
CA ASP A 90 6.46 27.08 -3.43
C ASP A 90 7.34 27.36 -4.64
N ASP A 91 8.65 27.23 -4.51
CA ASP A 91 9.58 27.54 -5.59
C ASP A 91 9.90 26.34 -6.49
N LEU A 92 9.47 25.14 -6.11
CA LEU A 92 9.68 23.97 -6.95
C LEU A 92 8.89 24.10 -8.26
N ARG A 93 9.52 23.69 -9.37
CA ARG A 93 8.88 23.65 -10.67
C ARG A 93 9.24 22.33 -11.34
N ARG A 94 8.61 22.07 -12.49
CA ARG A 94 8.89 20.85 -13.25
C ARG A 94 10.37 20.72 -13.57
N GLU A 95 11.04 21.84 -13.84
CA GLU A 95 12.46 21.88 -14.19
C GLU A 95 13.38 21.48 -13.05
N ASP A 96 12.87 21.37 -11.83
CA ASP A 96 13.72 20.98 -10.69
C ASP A 96 13.85 19.47 -10.53
N PHE A 97 13.24 18.66 -11.39
CA PHE A 97 13.41 17.21 -11.29
C PHE A 97 13.36 16.58 -12.67
N LYS A 98 13.98 15.42 -12.81
CA LYS A 98 13.94 14.65 -14.05
C LYS A 98 13.00 13.46 -13.87
N LEU A 99 12.15 13.22 -14.85
CA LEU A 99 11.09 12.24 -14.68
C LEU A 99 10.94 11.44 -15.96
N PHE A 100 11.13 10.13 -15.84
CA PHE A 100 10.91 9.20 -16.93
C PHE A 100 9.89 8.17 -16.50
N TYR A 101 9.18 7.62 -17.48
CA TYR A 101 8.16 6.64 -17.11
C TYR A 101 8.00 5.68 -18.28
N LYS A 102 7.33 4.57 -18.00
CA LYS A 102 7.09 3.54 -18.99
C LYS A 102 5.76 2.88 -18.65
N VAL A 103 4.84 2.90 -19.61
CA VAL A 103 3.49 2.39 -19.37
C VAL A 103 3.52 0.87 -19.56
N SER A 104 3.34 0.14 -18.47
CA SER A 104 3.32 -1.31 -18.48
C SER A 104 4.46 -1.89 -19.33
N ARG A 105 4.15 -2.54 -20.45
CA ARG A 105 5.20 -3.19 -21.24
C ARG A 105 5.63 -2.39 -22.46
N ALA A 106 5.19 -1.13 -22.57
CA ALA A 106 5.72 -0.23 -23.58
C ALA A 106 7.15 0.20 -23.22
N ASP A 107 7.71 1.11 -24.01
CA ASP A 107 9.09 1.52 -23.83
C ASP A 107 9.20 2.76 -22.93
N TRP A 108 10.37 2.91 -22.33
CA TRP A 108 10.67 4.08 -21.50
C TRP A 108 10.63 5.37 -22.32
N GLN A 109 10.19 6.43 -21.67
CA GLN A 109 10.14 7.73 -22.31
C GLN A 109 10.35 8.79 -21.24
N GLU A 110 10.80 9.96 -21.67
CA GLU A 110 10.91 11.08 -20.74
C GLU A 110 9.56 11.76 -20.61
N GLN A 111 9.15 12.06 -19.39
CA GLN A 111 7.92 12.80 -19.20
C GLN A 111 8.04 14.18 -19.84
N ASP A 112 6.96 14.61 -20.48
CA ASP A 112 6.93 15.81 -21.30
C ASP A 112 6.53 17.03 -20.47
N PRO A 113 7.38 18.06 -20.36
CA PRO A 113 6.98 19.24 -19.58
C PRO A 113 5.78 19.97 -20.16
N ALA A 114 5.51 19.83 -21.45
CA ALA A 114 4.29 20.41 -22.00
C ALA A 114 3.05 19.61 -21.63
N LYS A 115 3.23 18.35 -21.25
CA LYS A 115 2.13 17.53 -20.73
C LYS A 115 2.14 17.55 -19.21
N CYS A 116 2.08 18.78 -18.69
CA CYS A 116 2.03 19.06 -17.27
C CYS A 116 1.05 20.19 -17.04
N TRP A 117 0.46 20.23 -15.85
CA TRP A 117 -0.34 21.36 -15.43
C TRP A 117 0.57 22.52 -15.00
N ASP A 118 0.02 23.73 -15.05
CA ASP A 118 0.70 24.86 -14.45
C ASP A 118 0.89 24.59 -12.96
N PRO A 119 1.94 25.14 -12.35
CA PRO A 119 2.10 25.00 -10.90
C PRO A 119 0.84 25.46 -10.19
N GLN A 120 0.41 24.68 -9.21
CA GLN A 120 -0.72 25.04 -8.37
C GLN A 120 -0.23 25.45 -6.99
N PHE A 121 -0.87 26.45 -6.41
CA PHE A 121 -0.46 26.99 -5.11
C PHE A 121 -1.63 26.87 -4.15
N PRO A 122 -1.63 25.88 -3.25
CA PRO A 122 -2.71 25.79 -2.25
C PRO A 122 -2.72 27.01 -1.35
N ALA A 123 -3.90 27.30 -0.80
CA ALA A 123 -4.06 28.51 0.01
C ALA A 123 -3.16 28.48 1.24
N GLU A 124 -2.84 27.29 1.74
CA GLU A 124 -2.04 27.15 2.95
C GLU A 124 -0.53 27.11 2.68
N GLY A 125 -0.10 27.23 1.42
CA GLY A 125 1.30 27.21 1.07
C GLY A 125 1.68 25.97 0.27
N GLY A 126 2.92 25.98 -0.21
CA GLY A 126 3.42 24.89 -1.02
C GLY A 126 3.01 25.01 -2.49
N VAL A 127 3.39 24.01 -3.27
CA VAL A 127 3.09 24.00 -4.70
C VAL A 127 2.94 22.55 -5.16
N HIS A 128 2.01 22.31 -6.09
CA HIS A 128 1.82 21.03 -6.74
C HIS A 128 2.18 21.13 -8.22
N ILE A 129 2.88 20.11 -8.71
CA ILE A 129 3.27 20.05 -10.11
C ILE A 129 2.61 18.79 -10.67
N ALA A 130 1.55 18.96 -11.44
CA ALA A 130 0.80 17.82 -11.97
C ALA A 130 1.36 17.42 -13.32
N CYS A 131 1.69 16.13 -13.47
CA CYS A 131 2.37 15.62 -14.64
C CYS A 131 1.58 14.47 -15.24
N GLN A 132 1.45 14.49 -16.57
CA GLN A 132 0.71 13.47 -17.28
C GLN A 132 1.63 12.31 -17.65
N LEU A 133 1.26 11.10 -17.24
CA LEU A 133 2.02 9.90 -17.59
C LEU A 133 1.13 8.90 -18.32
N SER A 134 0.60 9.30 -19.48
CA SER A 134 -0.34 8.48 -20.25
C SER A 134 0.35 7.89 -21.47
N GLY A 135 -0.44 7.19 -22.28
CA GLY A 135 0.06 6.64 -23.52
C GLY A 135 -0.23 5.14 -23.59
N PRO A 136 0.05 4.52 -24.74
CA PRO A 136 -0.18 3.07 -24.87
C PRO A 136 0.62 2.27 -23.85
N ASP A 137 0.09 1.09 -23.48
CA ASP A 137 0.69 0.23 -22.49
C ASP A 137 1.42 -0.95 -23.11
N GLY A 138 1.80 -0.85 -24.38
CA GLY A 138 2.42 -1.97 -25.07
C GLY A 138 1.44 -3.01 -25.56
N GLY A 139 0.18 -2.64 -25.78
CA GLY A 139 -0.77 -3.59 -26.32
C GLY A 139 -1.35 -4.59 -25.34
N ILE A 140 -1.32 -4.31 -24.05
CA ILE A 140 -2.01 -5.17 -23.10
C ILE A 140 -3.49 -4.80 -23.07
N LEU A 141 -3.80 -3.59 -22.65
CA LEU A 141 -5.14 -3.06 -22.81
C LEU A 141 -5.25 -2.09 -23.98
N SER A 142 -4.15 -1.48 -24.39
CA SER A 142 -4.21 -0.41 -25.37
C SER A 142 -4.53 -0.96 -26.75
N LYS A 143 -5.10 -0.12 -27.60
CA LYS A 143 -5.61 -0.50 -28.90
C LYS A 143 -4.85 0.21 -30.01
N PRO A 144 -4.94 -0.26 -31.25
CA PRO A 144 -4.21 0.38 -32.35
C PRO A 144 -4.46 1.88 -32.48
N ASP A 145 -5.66 2.37 -32.16
CA ASP A 145 -5.93 3.79 -32.24
C ASP A 145 -5.32 4.58 -31.08
N GLY A 146 -4.55 3.92 -30.22
CA GLY A 146 -3.89 4.59 -29.12
C GLY A 146 -4.64 4.59 -27.82
N THR A 147 -5.94 4.26 -27.83
CA THR A 147 -6.74 4.32 -26.62
C THR A 147 -6.32 3.22 -25.64
N VAL A 148 -6.58 3.49 -24.35
CA VAL A 148 -6.33 2.51 -23.30
C VAL A 148 -7.63 2.28 -22.55
N PRO A 149 -8.52 1.45 -23.06
CA PRO A 149 -9.74 1.15 -22.30
C PRO A 149 -9.37 0.37 -21.06
N LEU A 150 -10.16 0.54 -20.01
CA LEU A 150 -9.92 -0.08 -18.71
C LEU A 150 -11.12 -0.93 -18.32
N PRO A 151 -11.14 -2.20 -18.71
CA PRO A 151 -12.24 -3.09 -18.27
C PRO A 151 -12.19 -3.29 -16.77
N GLU A 152 -13.26 -3.86 -16.21
CA GLU A 152 -13.26 -4.06 -14.77
C GLU A 152 -12.16 -5.02 -14.38
N VAL A 153 -11.63 -4.82 -13.16
CA VAL A 153 -10.60 -5.65 -12.54
C VAL A 153 -9.24 -5.45 -13.20
N GLU A 154 -9.19 -4.71 -14.30
CA GLU A 154 -7.93 -4.50 -15.02
C GLU A 154 -7.12 -3.35 -14.44
N SER A 155 -5.85 -3.27 -14.84
CA SER A 155 -4.96 -2.23 -14.33
C SER A 155 -3.96 -1.84 -15.40
N VAL A 156 -3.41 -0.63 -15.23
CA VAL A 156 -2.32 -0.12 -16.04
C VAL A 156 -1.23 0.41 -15.12
N THR A 157 0.02 0.08 -15.42
CA THR A 157 1.17 0.41 -14.60
C THR A 157 2.05 1.44 -15.29
N ALA A 158 2.59 2.38 -14.49
CA ALA A 158 3.73 3.18 -14.91
C ALA A 158 4.90 2.86 -14.00
N HIS A 159 5.97 2.34 -14.59
CA HIS A 159 7.25 2.30 -13.90
C HIS A 159 7.84 3.70 -14.04
N VAL A 160 8.28 4.27 -12.91
CA VAL A 160 8.65 5.69 -12.87
C VAL A 160 10.07 5.83 -12.35
N ARG A 161 10.90 6.58 -13.08
CA ARG A 161 12.23 6.96 -12.63
C ARG A 161 12.24 8.44 -12.31
N LEU A 162 12.65 8.77 -11.07
CA LEU A 162 12.54 10.12 -10.56
C LEU A 162 13.81 10.53 -9.82
N ALA A 163 14.25 11.76 -10.06
CA ALA A 163 15.35 12.36 -9.33
C ALA A 163 15.09 13.86 -9.21
N PHE A 164 15.19 14.38 -7.99
CA PHE A 164 15.13 15.81 -7.75
C PHE A 164 16.55 16.35 -7.83
N ARG A 165 16.71 17.55 -8.38
CA ARG A 165 18.05 18.11 -8.51
C ARG A 165 18.68 18.29 -7.13
N GLU A 166 20.02 18.23 -7.09
CA GLU A 166 20.75 18.50 -5.86
C GLU A 166 20.44 19.90 -5.35
N GLY A 167 20.62 20.08 -4.05
CA GLY A 167 20.44 21.39 -3.46
C GLY A 167 19.02 21.82 -3.24
N ILE A 168 18.04 20.94 -3.51
CA ILE A 168 16.66 21.19 -3.17
C ILE A 168 16.21 20.11 -2.18
N THR A 169 15.45 20.52 -1.18
CA THR A 169 15.03 19.64 -0.10
C THR A 169 13.62 20.01 0.33
N SER A 170 12.97 19.07 1.01
CA SER A 170 11.66 19.30 1.56
C SER A 170 11.47 18.41 2.77
N GLU A 171 10.89 18.96 3.83
CA GLU A 171 10.65 18.17 5.02
C GLU A 171 9.28 17.52 5.03
N HIS A 172 8.39 17.87 4.09
CA HIS A 172 7.10 17.19 4.00
C HIS A 172 6.60 17.33 2.56
N ALA A 173 6.81 16.28 1.77
CA ALA A 173 6.43 16.24 0.37
C ALA A 173 5.68 14.95 0.10
N GLY A 174 5.13 14.85 -1.09
CA GLY A 174 4.48 13.63 -1.49
C GLY A 174 4.29 13.57 -2.98
N ILE A 175 3.97 12.37 -3.44
CA ILE A 175 3.47 12.14 -4.78
C ILE A 175 2.03 11.69 -4.65
N PHE A 176 1.16 12.32 -5.42
CA PHE A 176 -0.22 11.90 -5.54
C PHE A 176 -0.40 11.26 -6.91
N ALA A 177 -0.99 10.08 -6.92
CA ALA A 177 -1.38 9.40 -8.13
C ALA A 177 -2.83 9.75 -8.43
N LEU A 178 -3.07 10.35 -9.58
CA LEU A 178 -4.41 10.78 -10.00
C LEU A 178 -4.80 10.09 -11.29
N PRO A 179 -5.53 8.99 -11.24
CA PRO A 179 -5.98 8.34 -12.48
C PRO A 179 -6.92 9.26 -13.23
N GLY A 180 -6.69 9.36 -14.54
CA GLY A 180 -7.57 10.14 -15.42
C GLY A 180 -8.25 9.25 -16.45
N MET A 181 -9.53 9.52 -16.71
CA MET A 181 -10.32 8.74 -17.65
C MET A 181 -11.11 9.67 -18.56
N LEU A 182 -11.40 9.18 -19.76
CA LEU A 182 -12.38 9.78 -20.64
C LEU A 182 -13.68 9.02 -20.44
N ASP A 183 -14.70 9.72 -19.95
CA ASP A 183 -15.95 9.07 -19.57
C ASP A 183 -16.65 8.44 -20.78
N ALA A 184 -16.79 9.21 -21.85
CA ALA A 184 -17.41 8.69 -23.04
C ALA A 184 -16.44 8.76 -24.20
N PRO A 185 -16.56 7.87 -25.19
CA PRO A 185 -15.65 7.93 -26.34
C PRO A 185 -15.72 9.28 -27.05
N GLY A 186 -14.54 9.79 -27.39
CA GLY A 186 -14.40 11.07 -28.04
C GLY A 186 -14.49 12.27 -27.12
N ASP A 187 -14.32 12.07 -25.81
CA ASP A 187 -14.31 13.20 -24.90
C ASP A 187 -12.92 13.81 -24.86
N LYS A 188 -12.85 15.07 -24.45
CA LYS A 188 -11.60 15.82 -24.40
C LYS A 188 -11.17 16.04 -22.96
N SER A 189 -9.87 16.06 -22.74
CA SER A 189 -9.33 16.26 -21.40
C SER A 189 -9.66 17.64 -20.87
N ILE A 190 -9.97 17.71 -19.58
CA ILE A 190 -10.54 18.91 -18.97
C ILE A 190 -9.50 19.77 -18.24
N ILE A 191 -8.36 19.21 -17.88
CA ILE A 191 -7.28 19.98 -17.25
C ILE A 191 -6.14 20.10 -18.26
N PRO A 192 -5.82 21.30 -18.73
CA PRO A 192 -4.79 21.44 -19.78
C PRO A 192 -3.46 20.87 -19.33
N GLY A 193 -2.98 19.88 -20.07
CA GLY A 193 -1.73 19.22 -19.77
C GLY A 193 -1.88 17.87 -19.11
N LEU A 194 -3.06 17.54 -18.60
CA LEU A 194 -3.34 16.28 -17.93
C LEU A 194 -4.28 15.43 -18.77
N PHE A 195 -4.29 14.13 -18.48
CA PHE A 195 -5.20 13.24 -19.19
C PHE A 195 -6.48 13.07 -18.41
N GLY A 196 -7.61 13.20 -19.11
CA GLY A 196 -8.91 12.85 -18.57
C GLY A 196 -9.92 13.97 -18.46
N ASN A 197 -11.21 13.66 -18.63
CA ASN A 197 -12.25 14.62 -18.27
C ASN A 197 -12.95 14.23 -16.98
N VAL A 198 -12.68 13.02 -16.46
CA VAL A 198 -13.03 12.59 -15.12
C VAL A 198 -11.81 11.89 -14.53
N PHE A 199 -11.82 11.71 -13.21
CA PHE A 199 -10.60 11.26 -12.53
C PHE A 199 -10.94 10.21 -11.47
N GLY A 200 -9.92 9.44 -11.10
CA GLY A 200 -10.07 8.37 -10.12
C GLY A 200 -9.77 8.84 -8.71
N ARG A 201 -9.59 7.86 -7.82
CA ARG A 201 -9.36 8.13 -6.41
C ARG A 201 -7.90 8.53 -6.16
N LEU A 202 -7.69 9.72 -5.59
CA LEU A 202 -6.34 10.19 -5.29
C LEU A 202 -5.63 9.25 -4.34
N GLN A 203 -4.41 8.83 -4.70
CA GLN A 203 -3.58 8.01 -3.83
C GLN A 203 -2.29 8.77 -3.53
N GLN A 204 -1.85 8.66 -2.28
CA GLN A 204 -0.76 9.47 -1.76
C GLN A 204 0.45 8.62 -1.39
N ALA A 205 1.63 9.21 -1.54
CA ALA A 205 2.85 8.67 -0.96
C ALA A 205 3.64 9.84 -0.36
N SER A 206 3.64 9.95 0.97
CA SER A 206 4.34 11.03 1.66
C SER A 206 5.80 10.67 1.90
N PHE A 207 6.68 11.65 1.71
CA PHE A 207 8.10 11.42 1.92
C PHE A 207 8.79 12.71 2.30
N ARG A 208 10.02 12.57 2.80
CA ARG A 208 10.93 13.68 2.97
C ARG A 208 11.97 13.64 1.85
N LEU A 209 12.35 14.82 1.37
CA LEU A 209 13.44 14.97 0.41
C LEU A 209 14.62 15.56 1.18
N GLY A 210 15.62 14.75 1.45
CA GLY A 210 16.71 15.22 2.30
C GLY A 210 17.53 14.06 2.85
N GLU A 211 18.06 14.27 4.04
CA GLU A 211 18.97 13.32 4.68
C GLU A 211 18.20 12.31 5.50
N GLY A 212 18.68 11.07 5.51
CA GLY A 212 18.10 10.01 6.30
C GLY A 212 18.25 10.26 7.78
N PRO A 213 17.59 9.44 8.60
CA PRO A 213 17.64 9.65 10.04
C PRO A 213 18.97 9.20 10.66
N SER A 214 19.46 9.99 11.61
CA SER A 214 20.56 9.52 12.42
C SER A 214 20.10 8.35 13.30
N SER A 215 21.06 7.52 13.69
CA SER A 215 20.77 6.39 14.56
C SER A 215 20.16 6.90 15.86
N LEU A 216 19.02 6.35 16.26
CA LEU A 216 18.49 6.77 17.54
C LEU A 216 19.22 6.13 18.70
N TYR A 217 19.83 4.97 18.46
CA TYR A 217 20.64 4.32 19.50
C TYR A 217 22.13 4.65 19.33
N GLY B 29 -24.04 12.75 10.74
CA GLY B 29 -23.27 11.78 11.51
C GLY B 29 -23.03 10.46 10.78
N PRO B 30 -21.84 9.90 10.95
CA PRO B 30 -21.46 8.68 10.24
C PRO B 30 -21.91 7.39 10.92
N VAL B 31 -21.81 6.31 10.15
CA VAL B 31 -22.13 4.97 10.62
C VAL B 31 -20.91 4.37 11.31
N TYR B 32 -21.09 3.85 12.50
CA TYR B 32 -20.04 3.15 13.23
C TYR B 32 -20.35 1.66 13.31
N ARG B 33 -19.31 0.83 13.24
CA ARG B 33 -19.46 -0.55 13.69
C ARG B 33 -18.71 -0.74 14.99
N GLU B 34 -19.10 -1.78 15.72
CA GLU B 34 -18.46 -2.08 16.99
C GLU B 34 -17.35 -3.08 16.79
N TYR B 35 -16.21 -2.81 17.42
CA TYR B 35 -15.11 -3.75 17.36
C TYR B 35 -14.41 -3.72 18.70
N LYS B 36 -14.45 -4.85 19.41
CA LYS B 36 -13.93 -4.95 20.77
C LYS B 36 -14.49 -3.86 21.68
N GLY B 37 -15.73 -3.45 21.44
CA GLY B 37 -16.33 -2.45 22.29
C GLY B 37 -16.02 -1.03 21.91
N PHE B 38 -15.34 -0.80 20.80
CA PHE B 38 -15.07 0.55 20.33
C PHE B 38 -15.80 0.79 19.02
N ARG B 39 -15.96 2.06 18.70
CA ARG B 39 -16.68 2.47 17.52
C ARG B 39 -15.69 2.79 16.42
N VAL B 40 -15.92 2.19 15.25
CA VAL B 40 -14.99 2.25 14.13
C VAL B 40 -15.72 2.74 12.89
N ASN B 41 -15.15 3.74 12.23
CA ASN B 41 -15.62 4.25 10.94
C ASN B 41 -14.59 3.84 9.90
N ASP B 42 -14.95 2.86 9.07
CA ASP B 42 -14.05 2.33 8.04
C ASP B 42 -13.75 3.33 6.93
N ASN B 43 -14.40 4.49 6.91
CA ASN B 43 -14.10 5.49 5.90
C ASN B 43 -12.85 6.30 6.20
N ILE B 44 -12.31 6.23 7.41
CA ILE B 44 -11.06 6.91 7.73
C ILE B 44 -9.97 5.84 7.68
N VAL B 45 -9.22 5.81 6.58
CA VAL B 45 -8.28 4.76 6.34
C VAL B 45 -6.86 5.26 6.58
N ALA B 46 -5.88 4.36 6.55
CA ALA B 46 -4.49 4.71 6.75
C ALA B 46 -3.65 3.93 5.75
N ASP B 47 -2.54 4.55 5.33
CA ASP B 47 -1.59 3.95 4.41
C ASP B 47 -0.17 4.10 4.96
N PHE B 48 0.66 3.09 4.71
CA PHE B 48 2.08 3.13 5.01
C PHE B 48 2.92 3.33 3.75
N ILE B 49 4.04 4.03 3.89
CA ILE B 49 5.05 4.14 2.85
C ILE B 49 6.41 3.86 3.48
N GLY B 50 7.16 2.93 2.89
CA GLY B 50 8.53 2.70 3.26
C GLY B 50 8.77 1.83 4.47
N VAL B 51 7.76 1.13 4.97
CA VAL B 51 8.01 0.16 6.03
C VAL B 51 8.73 -1.02 5.40
N PRO B 52 9.94 -1.34 5.85
CA PRO B 52 10.61 -2.55 5.33
C PRO B 52 10.02 -3.81 5.95
N ALA B 53 10.11 -4.90 5.20
CA ALA B 53 9.61 -6.18 5.67
C ALA B 53 10.55 -6.87 6.63
N VAL B 54 11.79 -6.38 6.75
CA VAL B 54 12.74 -6.83 7.76
C VAL B 54 13.42 -5.60 8.35
N ILE B 55 13.39 -5.47 9.67
CA ILE B 55 14.08 -4.40 10.39
C ILE B 55 15.20 -5.01 11.21
N THR B 56 16.41 -4.39 11.14
CA THR B 56 17.56 -4.89 11.90
C THR B 56 17.50 -4.40 13.34
N PRO B 57 17.66 -5.27 14.32
CA PRO B 57 17.72 -4.80 15.72
C PRO B 57 18.82 -3.76 15.88
N GLY B 58 18.49 -2.68 16.57
CA GLY B 58 19.43 -1.61 16.82
C GLY B 58 19.45 -0.52 15.78
N GLU B 59 18.95 -0.77 14.58
CA GLU B 59 19.03 0.15 13.45
C GLU B 59 17.77 1.01 13.37
N THR B 60 17.95 2.26 12.94
CA THR B 60 16.85 3.20 12.84
C THR B 60 16.29 3.20 11.41
N ILE B 61 14.97 3.08 11.28
CA ILE B 61 14.30 3.23 10.00
C ILE B 61 13.40 4.45 10.10
N GLU B 62 13.15 5.07 8.96
CA GLU B 62 12.14 6.13 8.87
C GLU B 62 11.12 5.68 7.83
N PHE B 63 9.85 5.79 8.19
CA PHE B 63 8.76 5.52 7.24
C PHE B 63 7.75 6.63 7.41
N SER B 64 6.76 6.68 6.52
CA SER B 64 5.65 7.60 6.67
C SER B 64 4.34 6.82 6.70
N VAL B 65 3.36 7.38 7.39
CA VAL B 65 2.04 6.78 7.48
C VAL B 65 1.06 7.93 7.51
N PHE B 66 -0.06 7.78 6.81
CA PHE B 66 -0.99 8.88 6.74
C PHE B 66 -2.40 8.31 6.74
N TYR B 67 -3.30 9.03 7.40
CA TYR B 67 -4.70 8.66 7.37
C TYR B 67 -5.45 9.65 6.52
N THR B 68 -6.46 9.15 5.79
CA THR B 68 -7.17 9.88 4.75
C THR B 68 -8.67 9.73 4.98
N ASN B 69 -9.41 10.81 4.75
CA ASN B 69 -10.87 10.77 4.86
C ASN B 69 -11.45 10.31 3.53
N ARG B 70 -11.82 9.03 3.47
CA ARG B 70 -12.50 8.46 2.30
C ARG B 70 -14.01 8.54 2.41
N GLY B 71 -14.54 9.31 3.36
CA GLY B 71 -15.96 9.53 3.48
C GLY B 71 -16.33 10.98 3.23
N ARG B 72 -17.59 11.28 3.53
CA ARG B 72 -18.15 12.61 3.32
C ARG B 72 -18.38 13.39 4.61
N TYR B 73 -18.07 12.80 5.77
CA TYR B 73 -18.25 13.47 7.06
C TYR B 73 -16.93 14.04 7.55
N ALA B 74 -16.92 15.34 7.85
CA ALA B 74 -15.70 16.02 8.30
C ALA B 74 -15.57 15.87 9.81
N TYR B 75 -14.46 15.29 10.25
CA TYR B 75 -14.32 15.16 11.70
C TYR B 75 -13.71 16.44 12.27
N PRO B 76 -14.16 16.89 13.44
CA PRO B 76 -13.63 18.14 14.00
C PRO B 76 -12.24 18.03 14.59
N ASP B 77 -11.78 16.83 14.96
CA ASP B 77 -10.43 16.68 15.49
C ASP B 77 -9.96 15.25 15.29
N THR B 78 -8.71 15.09 14.86
CA THR B 78 -8.17 13.78 14.50
C THR B 78 -6.72 13.67 14.94
N GLY B 79 -6.27 12.42 15.11
CA GLY B 79 -4.88 12.16 15.39
C GLY B 79 -4.49 10.70 15.23
N LEU B 80 -3.25 10.43 14.81
CA LEU B 80 -2.87 9.05 14.53
C LEU B 80 -2.49 8.32 15.81
N ASN B 81 -2.85 7.04 15.89
CA ASN B 81 -2.29 6.16 16.90
C ASN B 81 -1.53 5.05 16.19
N LEU B 82 -0.41 4.64 16.75
CA LEU B 82 0.40 3.56 16.20
C LEU B 82 0.54 2.46 17.23
N VAL B 83 0.33 1.21 16.80
CA VAL B 83 0.48 0.03 17.65
C VAL B 83 1.68 -0.76 17.16
N ILE B 84 2.63 -1.02 18.06
CA ILE B 84 3.76 -1.91 17.79
C ILE B 84 3.42 -3.27 18.39
N TRP B 85 3.57 -4.34 17.62
CA TRP B 85 3.10 -5.62 18.12
C TRP B 85 4.08 -6.74 17.79
N PHE B 86 4.38 -7.56 18.79
CA PHE B 86 5.13 -8.79 18.62
C PHE B 86 4.21 -9.95 18.90
N SER B 87 4.10 -10.88 17.95
CA SER B 87 3.18 -12.00 18.15
C SER B 87 3.82 -13.15 18.93
N ASP B 88 5.14 -13.24 18.95
CA ASP B 88 5.87 -14.41 19.44
C ASP B 88 6.62 -14.16 20.74
N ARG B 89 6.38 -13.04 21.43
CA ARG B 89 6.93 -12.82 22.76
C ARG B 89 6.12 -11.72 23.45
N ASP B 90 6.11 -11.75 24.78
CA ASP B 90 5.26 -10.79 25.52
C ASP B 90 6.05 -9.89 26.45
N ASP B 91 7.38 -9.86 26.37
CA ASP B 91 8.20 -9.05 27.26
C ASP B 91 8.48 -7.67 26.70
N LEU B 92 8.17 -7.43 25.42
CA LEU B 92 8.43 -6.14 24.81
C LEU B 92 7.59 -5.06 25.48
N ARG B 93 8.21 -3.91 25.72
CA ARG B 93 7.56 -2.77 26.32
C ARG B 93 7.94 -1.51 25.58
N ARG B 94 7.26 -0.41 25.93
CA ARG B 94 7.50 0.86 25.26
C ARG B 94 8.96 1.25 25.35
N GLU B 95 9.60 0.96 26.49
CA GLU B 95 11.01 1.28 26.70
C GLU B 95 11.95 0.48 25.81
N ASP B 96 11.48 -0.56 25.14
CA ASP B 96 12.38 -1.39 24.34
C ASP B 96 12.63 -0.84 22.93
N PHE B 97 12.05 0.31 22.58
CA PHE B 97 12.32 0.90 21.28
C PHE B 97 12.30 2.41 21.39
N LYS B 98 12.94 3.07 20.42
CA LYS B 98 12.92 4.52 20.33
C LYS B 98 11.98 4.94 19.21
N LEU B 99 11.16 5.95 19.48
CA LEU B 99 10.09 6.35 18.58
C LEU B 99 10.01 7.87 18.53
N PHE B 100 10.27 8.44 17.34
CA PHE B 100 10.13 9.87 17.07
C PHE B 100 9.19 10.05 15.90
N TYR B 101 8.49 11.19 15.88
CA TYR B 101 7.55 11.39 14.80
C TYR B 101 7.37 12.87 14.50
N LYS B 102 6.79 13.14 13.35
CA LYS B 102 6.59 14.50 12.88
C LYS B 102 5.26 14.54 12.12
N VAL B 103 4.35 15.40 12.55
CA VAL B 103 3.04 15.51 11.92
C VAL B 103 3.15 16.46 10.73
N SER B 104 3.06 15.90 9.52
CA SER B 104 3.14 16.64 8.26
C SER B 104 4.31 17.63 8.27
N ARG B 105 4.06 18.94 8.25
CA ARG B 105 5.16 19.89 8.17
C ARG B 105 5.51 20.52 9.52
N ALA B 106 4.95 20.01 10.61
CA ALA B 106 5.39 20.40 11.94
C ALA B 106 6.77 19.80 12.23
N ASP B 107 7.28 20.04 13.43
CA ASP B 107 8.64 19.62 13.79
C ASP B 107 8.70 18.20 14.36
N TRP B 108 9.90 17.62 14.25
CA TRP B 108 10.14 16.32 14.88
C TRP B 108 9.98 16.43 16.39
N GLN B 109 9.47 15.36 17.00
CA GLN B 109 9.32 15.25 18.44
C GLN B 109 9.43 13.79 18.81
N GLU B 110 9.80 13.52 20.07
CA GLU B 110 9.85 12.15 20.56
C GLU B 110 8.47 11.73 21.04
N GLN B 111 8.07 10.52 20.66
CA GLN B 111 6.80 10.01 21.11
C GLN B 111 6.83 9.91 22.64
N ASP B 112 5.75 10.30 23.28
CA ASP B 112 5.70 10.43 24.73
C ASP B 112 5.25 9.11 25.33
N PRO B 113 6.07 8.44 26.15
CA PRO B 113 5.64 7.16 26.73
C PRO B 113 4.41 7.24 27.61
N ALA B 114 4.11 8.40 28.20
CA ALA B 114 2.87 8.56 28.96
C ALA B 114 1.65 8.69 28.06
N LYS B 115 1.84 9.03 26.79
CA LYS B 115 0.73 9.04 25.83
C LYS B 115 0.69 7.71 25.07
N CYS B 116 0.62 6.63 25.86
CA CYS B 116 0.57 5.27 25.34
C CYS B 116 -0.40 4.47 26.18
N TRP B 117 -0.98 3.46 25.55
CA TRP B 117 -1.80 2.50 26.29
C TRP B 117 -0.90 1.56 27.07
N ASP B 118 -1.42 1.02 28.16
CA ASP B 118 -0.72 -0.04 28.84
C ASP B 118 -0.54 -1.21 27.89
N PRO B 119 0.51 -2.02 28.08
CA PRO B 119 0.70 -3.19 27.22
C PRO B 119 -0.54 -4.07 27.20
N GLN B 120 -0.96 -4.47 26.00
CA GLN B 120 -2.09 -5.37 25.83
C GLN B 120 -1.57 -6.75 25.46
N PHE B 121 -2.18 -7.77 26.05
CA PHE B 121 -1.71 -9.15 25.90
C PHE B 121 -2.82 -10.00 25.30
N PRO B 122 -2.78 -10.30 24.01
CA PRO B 122 -3.80 -11.18 23.44
C PRO B 122 -3.75 -12.53 24.11
N ALA B 123 -4.89 -13.23 24.11
CA ALA B 123 -4.94 -14.51 24.80
C ALA B 123 -3.96 -15.52 24.18
N GLU B 124 -3.69 -15.40 22.89
CA GLU B 124 -2.85 -16.35 22.19
C GLU B 124 -1.37 -16.05 22.34
N GLY B 125 -1.00 -15.02 23.08
CA GLY B 125 0.39 -14.66 23.24
C GLY B 125 0.71 -13.33 22.58
N GLY B 126 1.97 -12.92 22.76
CA GLY B 126 2.45 -11.68 22.20
C GLY B 126 2.03 -10.49 23.03
N VAL B 127 2.41 -9.30 22.54
CA VAL B 127 2.08 -8.06 23.23
C VAL B 127 1.92 -6.95 22.19
N HIS B 128 0.98 -6.03 22.44
CA HIS B 128 0.78 -4.81 21.65
C HIS B 128 1.04 -3.61 22.54
N ILE B 129 1.77 -2.63 22.01
CA ILE B 129 2.04 -1.37 22.67
C ILE B 129 1.48 -0.28 21.77
N ALA B 130 0.38 0.34 22.18
CA ALA B 130 -0.30 1.36 21.39
C ALA B 130 0.22 2.74 21.76
N CYS B 131 0.59 3.55 20.75
CA CYS B 131 1.23 4.83 20.98
C CYS B 131 0.50 5.96 20.28
N GLN B 132 0.32 7.09 20.98
CA GLN B 132 -0.36 8.24 20.41
C GLN B 132 0.64 9.12 19.67
N LEU B 133 0.38 9.37 18.39
CA LEU B 133 1.22 10.23 17.57
C LEU B 133 0.39 11.35 16.99
N SER B 134 -0.19 12.18 17.85
CA SER B 134 -1.09 13.24 17.40
C SER B 134 -0.39 14.60 17.50
N GLY B 135 -1.16 15.65 17.18
CA GLY B 135 -0.66 17.00 17.27
C GLY B 135 -0.91 17.79 16.01
N PRO B 136 -0.63 19.09 16.04
CA PRO B 136 -0.81 19.93 14.84
C PRO B 136 0.09 19.48 13.71
N ASP B 137 -0.36 19.77 12.48
CA ASP B 137 0.36 19.36 11.27
C ASP B 137 1.08 20.52 10.60
N GLY B 138 1.35 21.59 11.34
CA GLY B 138 2.00 22.75 10.76
C GLY B 138 1.08 23.69 10.03
N GLY B 139 -0.21 23.71 10.37
CA GLY B 139 -1.12 24.65 9.75
C GLY B 139 -1.60 24.27 8.37
N ILE B 140 -1.49 23.00 7.99
CA ILE B 140 -2.05 22.57 6.73
C ILE B 140 -3.56 22.35 6.87
N LEU B 141 -3.94 21.42 7.75
CA LEU B 141 -5.33 21.26 8.15
C LEU B 141 -5.59 21.83 9.55
N SER B 142 -4.55 21.95 10.37
CA SER B 142 -4.76 22.32 11.76
C SER B 142 -5.08 23.80 11.89
N LYS B 143 -5.81 24.12 12.93
CA LYS B 143 -6.28 25.46 13.19
C LYS B 143 -5.60 26.02 14.43
N PRO B 144 -5.63 27.34 14.62
CA PRO B 144 -5.01 27.92 15.83
C PRO B 144 -5.46 27.29 17.14
N ASP B 145 -6.70 26.79 17.23
CA ASP B 145 -7.09 26.21 18.52
C ASP B 145 -6.45 24.85 18.77
N GLY B 146 -5.57 24.37 17.90
CA GLY B 146 -4.90 23.12 18.09
C GLY B 146 -5.58 21.92 17.45
N THR B 147 -6.84 22.05 17.07
CA THR B 147 -7.56 20.93 16.48
C THR B 147 -7.01 20.59 15.10
N VAL B 148 -7.20 19.34 14.69
CA VAL B 148 -6.83 18.90 13.35
C VAL B 148 -8.09 18.35 12.68
N PRO B 149 -8.94 19.20 12.12
CA PRO B 149 -10.12 18.69 11.41
C PRO B 149 -9.70 18.00 10.11
N LEU B 150 -10.49 17.00 9.72
CA LEU B 150 -10.19 16.17 8.55
C LEU B 150 -11.35 16.25 7.58
N PRO B 151 -11.36 17.21 6.66
CA PRO B 151 -12.39 17.26 5.62
C PRO B 151 -12.25 16.10 4.66
N GLU B 152 -13.26 15.94 3.80
CA GLU B 152 -13.23 14.83 2.86
C GLU B 152 -12.03 14.96 1.92
N VAL B 153 -11.49 13.82 1.52
CA VAL B 153 -10.36 13.70 0.61
C VAL B 153 -9.06 14.21 1.26
N GLU B 154 -9.14 14.84 2.43
CA GLU B 154 -7.91 15.36 3.03
C GLU B 154 -7.18 14.30 3.84
N SER B 155 -5.93 14.60 4.22
CA SER B 155 -5.12 13.62 4.93
C SER B 155 -4.14 14.27 5.89
N VAL B 156 -3.68 13.47 6.85
CA VAL B 156 -2.66 13.89 7.81
C VAL B 156 -1.56 12.83 7.79
N THR B 157 -0.30 13.27 7.79
CA THR B 157 0.83 12.37 7.71
C THR B 157 1.62 12.39 9.02
N ALA B 158 2.12 11.22 9.42
CA ALA B 158 3.22 11.14 10.39
C ALA B 158 4.44 10.57 9.67
N HIS B 159 5.53 11.34 9.68
CA HIS B 159 6.86 10.80 9.43
C HIS B 159 7.38 10.17 10.73
N VAL B 160 7.84 8.93 10.64
CA VAL B 160 8.12 8.15 11.84
C VAL B 160 9.54 7.64 11.79
N ARG B 161 10.28 7.86 12.89
CA ARG B 161 11.57 7.24 13.10
C ARG B 161 11.44 6.20 14.20
N LEU B 162 11.87 4.98 13.90
CA LEU B 162 11.68 3.83 14.77
C LEU B 162 12.97 3.04 14.84
N ALA B 163 13.33 2.60 16.04
CA ALA B 163 14.48 1.72 16.24
C ALA B 163 14.20 0.81 17.42
N PHE B 164 14.40 -0.49 17.23
CA PHE B 164 14.33 -1.44 18.32
C PHE B 164 15.72 -1.63 18.92
N ARG B 165 15.79 -1.75 20.26
CA ARG B 165 17.09 -1.97 20.88
C ARG B 165 17.68 -3.29 20.41
N GLU B 166 19.02 -3.34 20.42
CA GLU B 166 19.76 -4.55 20.07
C GLU B 166 19.35 -5.73 20.95
N GLY B 167 19.55 -6.92 20.41
CA GLY B 167 19.32 -8.12 21.18
C GLY B 167 17.88 -8.50 21.37
N ILE B 168 16.94 -7.80 20.76
CA ILE B 168 15.54 -8.20 20.78
C ILE B 168 15.14 -8.50 19.34
N THR B 169 14.33 -9.54 19.16
CA THR B 169 14.00 -10.01 17.82
C THR B 169 12.54 -10.48 17.78
N SER B 170 11.99 -10.59 16.58
CA SER B 170 10.66 -11.15 16.40
C SER B 170 10.54 -11.76 15.02
N GLU B 171 9.95 -12.95 14.94
CA GLU B 171 9.73 -13.64 13.67
C GLU B 171 8.38 -13.33 13.05
N HIS B 172 7.48 -12.62 13.75
CA HIS B 172 6.22 -12.13 13.16
C HIS B 172 5.74 -10.97 14.04
N ALA B 173 5.98 -9.75 13.55
CA ALA B 173 5.66 -8.54 14.26
C ALA B 173 4.93 -7.60 13.30
N GLY B 174 4.42 -6.49 13.81
CA GLY B 174 3.79 -5.55 12.89
C GLY B 174 3.58 -4.19 13.51
N ILE B 175 3.28 -3.24 12.65
CA ILE B 175 2.81 -1.92 13.04
C ILE B 175 1.38 -1.78 12.54
N PHE B 176 0.49 -1.34 13.42
CA PHE B 176 -0.87 -1.03 13.05
C PHE B 176 -1.09 0.47 13.16
N ALA B 177 -1.68 1.04 12.11
CA ALA B 177 -2.08 2.44 12.12
C ALA B 177 -3.54 2.51 12.52
N LEU B 178 -3.82 3.18 13.63
CA LEU B 178 -5.17 3.30 14.16
C LEU B 178 -5.52 4.77 14.16
N PRO B 179 -6.21 5.26 13.12
CA PRO B 179 -6.65 6.66 13.15
C PRO B 179 -7.60 6.86 14.30
N GLY B 180 -7.42 7.96 15.01
CA GLY B 180 -8.32 8.37 16.07
C GLY B 180 -9.02 9.65 15.66
N MET B 181 -10.30 9.74 15.96
CA MET B 181 -11.10 10.92 15.66
C MET B 181 -11.96 11.28 16.86
N LEU B 182 -12.31 12.56 16.96
CA LEU B 182 -13.37 12.99 17.84
C LEU B 182 -14.63 13.17 17.00
N ASP B 183 -15.68 12.39 17.31
CA ASP B 183 -16.91 12.46 16.54
C ASP B 183 -17.52 13.86 16.62
N ALA B 184 -17.60 14.41 17.84
CA ALA B 184 -18.13 15.73 18.12
C ALA B 184 -17.05 16.60 18.75
N PRO B 185 -17.14 17.93 18.58
CA PRO B 185 -16.07 18.80 19.11
C PRO B 185 -15.80 18.65 20.60
N GLY B 186 -16.83 18.54 21.42
CA GLY B 186 -16.58 18.44 22.85
C GLY B 186 -16.39 17.03 23.36
N ASP B 187 -16.01 16.11 22.48
CA ASP B 187 -15.81 14.73 22.89
C ASP B 187 -14.43 14.52 23.51
N LYS B 188 -14.31 13.47 24.33
CA LYS B 188 -13.09 13.13 25.03
C LYS B 188 -12.56 11.78 24.53
N SER B 189 -11.24 11.62 24.56
CA SER B 189 -10.65 10.35 24.12
C SER B 189 -11.07 9.22 25.06
N ILE B 190 -11.39 8.06 24.47
CA ILE B 190 -12.01 6.97 25.23
C ILE B 190 -11.01 5.92 25.72
N ILE B 191 -9.81 5.86 25.16
CA ILE B 191 -8.76 4.97 25.61
C ILE B 191 -7.65 5.81 26.24
N PRO B 192 -7.34 5.62 27.53
CA PRO B 192 -6.35 6.48 28.19
C PRO B 192 -4.98 6.35 27.52
N GLY B 193 -4.49 7.46 27.00
CA GLY B 193 -3.21 7.53 26.34
C GLY B 193 -3.28 7.59 24.82
N LEU B 194 -4.42 7.26 24.24
CA LEU B 194 -4.57 7.31 22.80
C LEU B 194 -5.50 8.44 22.41
N PHE B 195 -5.44 8.84 21.15
CA PHE B 195 -6.31 9.91 20.69
C PHE B 195 -7.60 9.32 20.12
N GLY B 196 -8.74 9.87 20.53
CA GLY B 196 -10.02 9.57 19.91
C GLY B 196 -11.06 8.89 20.79
N ASN B 197 -12.32 9.18 20.53
CA ASN B 197 -13.45 8.40 21.07
C ASN B 197 -14.07 7.50 20.01
N VAL B 198 -13.69 7.68 18.75
CA VAL B 198 -13.99 6.75 17.68
C VAL B 198 -12.71 6.55 16.87
N PHE B 199 -12.70 5.51 16.04
CA PHE B 199 -11.46 5.15 15.37
C PHE B 199 -11.73 4.80 13.92
N GLY B 200 -10.65 4.89 13.13
CA GLY B 200 -10.70 4.60 11.72
C GLY B 200 -10.36 3.16 11.42
N ARG B 201 -10.12 2.91 10.14
CA ARG B 201 -9.85 1.55 9.70
C ARG B 201 -8.39 1.21 10.00
N LEU B 202 -8.19 0.16 10.79
CA LEU B 202 -6.88 -0.35 11.10
C LEU B 202 -6.13 -0.71 9.82
N GLN B 203 -4.89 -0.26 9.72
CA GLN B 203 -3.99 -0.63 8.63
C GLN B 203 -2.75 -1.31 9.21
N GLN B 204 -2.26 -2.33 8.52
CA GLN B 204 -1.20 -3.20 9.02
C GLN B 204 0.08 -3.11 8.18
N ALA B 205 1.21 -3.30 8.84
CA ALA B 205 2.50 -3.54 8.17
C ALA B 205 3.17 -4.67 8.93
N SER B 206 3.25 -5.85 8.32
CA SER B 206 3.89 -7.00 8.95
C SER B 206 5.38 -6.99 8.61
N PHE B 207 6.21 -7.34 9.59
CA PHE B 207 7.64 -7.42 9.37
C PHE B 207 8.26 -8.41 10.34
N ARG B 208 9.49 -8.81 10.05
CA ARG B 208 10.35 -9.51 10.99
C ARG B 208 11.38 -8.51 11.52
N LEU B 209 11.75 -8.69 12.81
CA LEU B 209 12.82 -7.93 13.47
C LEU B 209 13.99 -8.90 13.62
N GLY B 210 15.04 -8.70 12.82
CA GLY B 210 16.10 -9.70 12.83
C GLY B 210 17.01 -9.54 11.63
N GLU B 211 17.56 -10.67 11.20
CA GLU B 211 18.49 -10.66 10.07
C GLU B 211 17.74 -10.88 8.78
N GLY B 212 18.26 -10.25 7.71
CA GLY B 212 17.70 -10.40 6.40
C GLY B 212 17.81 -11.82 5.90
N PRO B 213 17.19 -12.09 4.75
CA PRO B 213 17.24 -13.44 4.19
C PRO B 213 18.61 -13.75 3.61
N SER B 214 19.10 -14.95 3.89
CA SER B 214 20.26 -15.47 3.19
C SER B 214 19.87 -15.87 1.76
N SER B 215 20.88 -15.90 0.89
CA SER B 215 20.67 -16.25 -0.51
C SER B 215 20.03 -17.63 -0.66
N LEU B 216 18.97 -17.71 -1.48
CA LEU B 216 18.38 -19.00 -1.78
C LEU B 216 19.13 -19.77 -2.84
N TYR B 217 19.88 -19.09 -3.70
CA TYR B 217 20.66 -19.76 -4.76
C TYR B 217 22.09 -19.96 -4.28
N GLY C 29 -24.87 -15.05 4.28
CA GLY C 29 -23.92 -15.26 3.20
C GLY C 29 -23.54 -13.99 2.45
N PRO C 30 -22.28 -13.88 2.07
CA PRO C 30 -21.80 -12.65 1.43
C PRO C 30 -22.07 -12.63 -0.06
N VAL C 31 -21.94 -11.44 -0.63
CA VAL C 31 -22.19 -11.23 -2.05
C VAL C 31 -20.94 -11.57 -2.84
N TYR C 32 -21.09 -12.39 -3.88
CA TYR C 32 -19.99 -12.74 -4.77
C TYR C 32 -20.17 -12.04 -6.11
N ARG C 33 -19.05 -11.68 -6.72
CA ARG C 33 -18.99 -11.28 -8.11
C ARG C 33 -18.38 -12.41 -8.92
N GLU C 34 -18.65 -12.40 -10.22
CA GLU C 34 -18.02 -13.35 -11.13
C GLU C 34 -16.88 -12.66 -11.88
N TYR C 35 -15.75 -13.34 -11.96
CA TYR C 35 -14.59 -12.89 -12.71
C TYR C 35 -13.99 -14.15 -13.31
N LYS C 36 -13.91 -14.20 -14.64
CA LYS C 36 -13.71 -15.45 -15.36
C LYS C 36 -14.83 -16.36 -14.88
N GLY C 37 -14.56 -17.59 -14.48
CA GLY C 37 -15.60 -18.47 -13.98
C GLY C 37 -15.67 -18.53 -12.47
N PHE C 38 -15.02 -17.62 -11.77
CA PHE C 38 -14.87 -17.76 -10.32
C PHE C 38 -15.65 -16.73 -9.53
N ARG C 39 -15.86 -17.07 -8.26
CA ARG C 39 -16.61 -16.23 -7.33
C ARG C 39 -15.64 -15.45 -6.45
N VAL C 40 -15.81 -14.12 -6.42
CA VAL C 40 -14.89 -13.18 -5.81
C VAL C 40 -15.65 -12.36 -4.79
N ASN C 41 -15.12 -12.26 -3.59
CA ASN C 41 -15.63 -11.38 -2.55
C ASN C 41 -14.61 -10.27 -2.32
N ASP C 42 -14.95 -9.06 -2.76
CA ASP C 42 -14.03 -7.93 -2.65
C ASP C 42 -13.78 -7.50 -1.21
N ASN C 43 -14.50 -8.06 -0.23
CA ASN C 43 -14.27 -7.67 1.15
C ASN C 43 -13.05 -8.35 1.76
N ILE C 44 -12.48 -9.34 1.09
CA ILE C 44 -11.25 -9.99 1.53
C ILE C 44 -10.12 -9.41 0.68
N VAL C 45 -9.41 -8.44 1.23
CA VAL C 45 -8.39 -7.73 0.49
C VAL C 45 -7.02 -8.21 0.96
N ALA C 46 -5.98 -7.76 0.26
CA ALA C 46 -4.63 -8.16 0.60
C ALA C 46 -3.72 -6.94 0.46
N ASP C 47 -2.68 -6.88 1.29
CA ASP C 47 -1.74 -5.77 1.25
C ASP C 47 -0.32 -6.31 1.20
N PHE C 48 0.53 -5.62 0.44
CA PHE C 48 1.95 -5.92 0.34
C PHE C 48 2.76 -4.94 1.20
N ILE C 49 3.88 -5.42 1.73
CA ILE C 49 4.89 -4.58 2.40
C ILE C 49 6.27 -5.00 1.90
N GLY C 50 7.07 -4.02 1.46
CA GLY C 50 8.46 -4.26 1.15
C GLY C 50 8.77 -4.86 -0.20
N VAL C 51 7.82 -4.90 -1.12
CA VAL C 51 8.13 -5.33 -2.48
C VAL C 51 8.93 -4.22 -3.16
N PRO C 52 10.13 -4.49 -3.64
CA PRO C 52 10.86 -3.48 -4.40
C PRO C 52 10.33 -3.35 -5.82
N ALA C 53 10.45 -2.14 -6.37
CA ALA C 53 10.00 -1.92 -7.74
C ALA C 53 10.98 -2.46 -8.77
N VAL C 54 12.20 -2.81 -8.33
CA VAL C 54 13.19 -3.49 -9.17
C VAL C 54 13.82 -4.61 -8.35
N ILE C 55 13.80 -5.82 -8.89
CA ILE C 55 14.44 -6.99 -8.30
C ILE C 55 15.60 -7.42 -9.19
N THR C 56 16.76 -7.69 -8.57
CA THR C 56 17.93 -8.16 -9.31
C THR C 56 17.83 -9.66 -9.56
N PRO C 57 18.07 -10.11 -10.78
CA PRO C 57 18.07 -11.55 -11.03
C PRO C 57 19.13 -12.25 -10.19
N GLY C 58 18.74 -13.35 -9.55
CA GLY C 58 19.63 -14.09 -8.71
C GLY C 58 19.61 -13.70 -7.24
N GLU C 59 19.11 -12.51 -6.90
CA GLU C 59 19.17 -12.03 -5.52
C GLU C 59 17.89 -12.41 -4.78
N THR C 60 18.02 -12.72 -3.50
CA THR C 60 16.89 -13.08 -2.65
C THR C 60 16.33 -11.83 -1.98
N ILE C 61 15.01 -11.65 -2.09
CA ILE C 61 14.32 -10.58 -1.38
C ILE C 61 13.27 -11.19 -0.46
N GLU C 62 12.97 -10.47 0.61
CA GLU C 62 11.89 -10.82 1.51
C GLU C 62 10.89 -9.68 1.55
N PHE C 63 9.62 -10.00 1.42
CA PHE C 63 8.55 -9.03 1.57
C PHE C 63 7.47 -9.68 2.42
N SER C 64 6.49 -8.89 2.85
CA SER C 64 5.34 -9.45 3.56
C SER C 64 4.06 -9.15 2.79
N VAL C 65 3.09 -10.04 2.96
CA VAL C 65 1.78 -9.83 2.36
C VAL C 65 0.76 -10.46 3.31
N PHE C 66 -0.37 -9.79 3.46
CA PHE C 66 -1.38 -10.22 4.40
C PHE C 66 -2.75 -9.93 3.80
N TYR C 67 -3.69 -10.84 4.02
CA TYR C 67 -5.06 -10.60 3.62
C TYR C 67 -5.90 -10.39 4.86
N THR C 68 -6.88 -9.47 4.74
CA THR C 68 -7.66 -8.96 5.84
C THR C 68 -9.14 -9.02 5.50
N ASN C 69 -9.95 -9.36 6.50
CA ASN C 69 -11.41 -9.41 6.35
C ASN C 69 -11.98 -8.02 6.60
N ARG C 70 -12.28 -7.30 5.52
CA ARG C 70 -12.93 -6.00 5.57
C ARG C 70 -14.44 -6.12 5.49
N GLY C 71 -14.99 -7.32 5.62
CA GLY C 71 -16.42 -7.55 5.62
C GLY C 71 -16.91 -8.05 6.97
N ARG C 72 -18.17 -8.47 6.97
CA ARG C 72 -18.83 -8.89 8.21
C ARG C 72 -19.02 -10.40 8.29
N TYR C 73 -18.63 -11.14 7.26
CA TYR C 73 -18.81 -12.59 7.21
C TYR C 73 -17.52 -13.31 7.57
N ALA C 74 -17.58 -14.18 8.58
CA ALA C 74 -16.40 -14.89 9.03
C ALA C 74 -16.20 -16.14 8.16
N TYR C 75 -15.04 -16.23 7.51
CA TYR C 75 -14.81 -17.41 6.69
C TYR C 75 -14.22 -18.54 7.52
N PRO C 76 -14.68 -19.78 7.28
CA PRO C 76 -14.24 -20.90 8.12
C PRO C 76 -12.83 -21.39 7.81
N ASP C 77 -12.31 -21.15 6.60
CA ASP C 77 -10.95 -21.55 6.31
C ASP C 77 -10.44 -20.71 5.15
N THR C 78 -9.19 -20.25 5.26
CA THR C 78 -8.60 -19.31 4.32
C THR C 78 -7.13 -19.66 4.10
N GLY C 79 -6.61 -19.22 2.96
CA GLY C 79 -5.19 -19.38 2.69
C GLY C 79 -4.78 -18.49 1.54
N LEU C 80 -3.53 -18.03 1.54
CA LEU C 80 -3.05 -17.11 0.52
C LEU C 80 -2.58 -17.85 -0.72
N ASN C 81 -2.85 -17.26 -1.88
CA ASN C 81 -2.21 -17.64 -3.13
C ASN C 81 -1.47 -16.44 -3.67
N LEU C 82 -0.31 -16.68 -4.29
CA LEU C 82 0.47 -15.65 -4.95
C LEU C 82 0.63 -16.02 -6.43
N VAL C 83 0.41 -15.05 -7.31
CA VAL C 83 0.61 -15.24 -8.74
C VAL C 83 1.83 -14.42 -9.17
N ILE C 84 2.81 -15.09 -9.78
CA ILE C 84 3.95 -14.43 -10.40
C ILE C 84 3.73 -14.38 -11.90
N TRP C 85 3.82 -13.19 -12.49
CA TRP C 85 3.53 -13.02 -13.90
C TRP C 85 4.52 -12.11 -14.61
N PHE C 86 4.94 -12.56 -15.79
CA PHE C 86 5.71 -11.77 -16.72
C PHE C 86 4.80 -11.42 -17.88
N SER C 87 4.72 -10.13 -18.21
CA SER C 87 3.89 -9.66 -19.30
C SER C 87 4.60 -9.65 -20.65
N ASP C 88 5.94 -9.66 -20.67
CA ASP C 88 6.73 -9.47 -21.88
C ASP C 88 7.49 -10.73 -22.29
N ARG C 89 7.19 -11.86 -21.68
CA ARG C 89 7.73 -13.13 -22.11
C ARG C 89 6.84 -14.20 -21.49
N ASP C 90 6.85 -15.37 -22.10
CA ASP C 90 5.94 -16.42 -21.70
C ASP C 90 6.66 -17.69 -21.30
N ASP C 91 7.98 -17.63 -21.12
CA ASP C 91 8.79 -18.81 -20.83
C ASP C 91 9.01 -19.07 -19.34
N LEU C 92 8.65 -18.14 -18.46
CA LEU C 92 8.86 -18.33 -17.04
C LEU C 92 8.01 -19.50 -16.52
N ARG C 93 8.61 -20.32 -15.65
CA ARG C 93 7.93 -21.44 -15.03
C ARG C 93 8.21 -21.46 -13.53
N ARG C 94 7.53 -22.35 -12.81
CA ARG C 94 7.71 -22.41 -11.36
C ARG C 94 9.17 -22.66 -10.98
N GLU C 95 9.84 -23.55 -11.72
CA GLU C 95 11.22 -23.91 -11.48
C GLU C 95 12.20 -22.77 -11.74
N ASP C 96 11.76 -21.65 -12.28
CA ASP C 96 12.70 -20.58 -12.54
C ASP C 96 12.90 -19.66 -11.33
N PHE C 97 12.22 -19.93 -10.22
CA PHE C 97 12.41 -19.12 -9.02
C PHE C 97 12.32 -20.01 -7.79
N LYS C 98 12.92 -19.53 -6.71
CA LYS C 98 12.89 -20.17 -5.41
C LYS C 98 11.95 -19.37 -4.52
N LEU C 99 11.11 -20.07 -3.76
CA LEU C 99 10.05 -19.40 -3.02
C LEU C 99 9.88 -20.07 -1.66
N PHE C 100 10.12 -19.32 -0.60
CA PHE C 100 9.87 -19.78 0.76
C PHE C 100 8.94 -18.80 1.45
N TYR C 101 8.19 -19.29 2.45
CA TYR C 101 7.26 -18.44 3.17
C TYR C 101 6.95 -18.99 4.55
N LYS C 102 6.32 -18.16 5.37
CA LYS C 102 5.91 -18.51 6.72
C LYS C 102 4.59 -17.81 6.97
N VAL C 103 3.61 -18.56 7.47
CA VAL C 103 2.29 -18.03 7.77
C VAL C 103 2.31 -17.41 9.17
N SER C 104 2.27 -16.09 9.23
CA SER C 104 2.25 -15.37 10.50
C SER C 104 3.36 -15.88 11.43
N ARG C 105 2.99 -16.55 12.51
CA ARG C 105 3.92 -16.94 13.55
C ARG C 105 4.45 -18.36 13.41
N ALA C 106 4.00 -19.10 12.39
CA ALA C 106 4.55 -20.43 12.16
C ALA C 106 5.95 -20.34 11.56
N ASP C 107 6.59 -21.51 11.41
CA ASP C 107 7.97 -21.52 10.94
C ASP C 107 7.99 -21.46 9.41
N TRP C 108 9.15 -21.07 8.89
CA TRP C 108 9.39 -20.99 7.46
C TRP C 108 9.25 -22.36 6.80
N GLN C 109 8.78 -22.35 5.55
CA GLN C 109 8.66 -23.57 4.77
C GLN C 109 8.92 -23.23 3.31
N GLU C 110 9.36 -24.21 2.54
CA GLU C 110 9.54 -23.99 1.11
C GLU C 110 8.20 -24.17 0.41
N GLN C 111 7.89 -23.24 -0.50
CA GLN C 111 6.65 -23.38 -1.26
C GLN C 111 6.69 -24.64 -2.12
N ASP C 112 5.59 -25.34 -2.16
CA ASP C 112 5.52 -26.66 -2.78
C ASP C 112 5.12 -26.52 -4.25
N PRO C 113 5.98 -26.93 -5.19
CA PRO C 113 5.64 -26.79 -6.63
C PRO C 113 4.42 -27.57 -7.06
N ALA C 114 4.04 -28.62 -6.33
CA ALA C 114 2.82 -29.36 -6.61
C ALA C 114 1.60 -28.58 -6.15
N LYS C 115 1.76 -27.63 -5.25
CA LYS C 115 0.68 -26.74 -4.86
C LYS C 115 0.76 -25.44 -5.65
N CYS C 116 0.71 -25.61 -6.99
CA CYS C 116 0.72 -24.53 -7.95
C CYS C 116 -0.25 -24.86 -9.08
N TRP C 117 -0.77 -23.81 -9.70
CA TRP C 117 -1.55 -23.96 -10.92
C TRP C 117 -0.57 -24.14 -12.08
N ASP C 118 -1.04 -24.84 -13.12
CA ASP C 118 -0.28 -24.86 -14.36
C ASP C 118 -0.13 -23.43 -14.87
N PRO C 119 0.93 -23.16 -15.64
CA PRO C 119 1.07 -21.82 -16.23
C PRO C 119 -0.15 -21.41 -17.03
N GLN C 120 -0.60 -20.19 -16.80
CA GLN C 120 -1.70 -19.62 -17.54
C GLN C 120 -1.15 -18.58 -18.49
N PHE C 121 -1.68 -18.53 -19.71
CA PHE C 121 -1.19 -17.63 -20.75
C PHE C 121 -2.28 -16.67 -21.16
N PRO C 122 -2.22 -15.41 -20.72
CA PRO C 122 -3.25 -14.44 -21.14
C PRO C 122 -3.25 -14.24 -22.64
N ALA C 123 -4.42 -13.88 -23.17
CA ALA C 123 -4.59 -13.69 -24.60
C ALA C 123 -3.69 -12.58 -25.16
N GLU C 124 -3.29 -11.62 -24.33
CA GLU C 124 -2.48 -10.51 -24.80
C GLU C 124 -0.97 -10.81 -24.74
N GLY C 125 -0.57 -11.98 -24.28
CA GLY C 125 0.82 -12.35 -24.15
C GLY C 125 1.21 -12.53 -22.68
N GLY C 126 2.42 -13.06 -22.48
CA GLY C 126 2.94 -13.32 -21.14
C GLY C 126 2.47 -14.62 -20.53
N VAL C 127 2.86 -14.84 -19.27
CA VAL C 127 2.51 -16.05 -18.54
C VAL C 127 2.42 -15.72 -17.04
N HIS C 128 1.45 -16.31 -16.35
CA HIS C 128 1.49 -16.23 -14.90
C HIS C 128 1.44 -17.59 -14.22
N ILE C 129 2.18 -17.67 -13.13
CA ILE C 129 2.38 -18.86 -12.33
C ILE C 129 1.81 -18.58 -10.95
N ALA C 130 0.69 -19.24 -10.67
CA ALA C 130 -0.05 -19.07 -9.43
C ALA C 130 0.42 -20.12 -8.43
N CYS C 131 0.74 -19.69 -7.21
CA CYS C 131 1.32 -20.55 -6.18
C CYS C 131 0.51 -20.45 -4.89
N GLN C 132 0.30 -21.59 -4.26
CA GLN C 132 -0.45 -21.68 -3.01
C GLN C 132 0.51 -21.47 -1.84
N LEU C 133 0.17 -20.54 -0.95
CA LEU C 133 0.98 -20.30 0.25
C LEU C 133 0.11 -20.44 1.49
N SER C 134 -0.49 -21.60 1.69
CA SER C 134 -1.46 -21.74 2.75
C SER C 134 -0.84 -22.49 3.93
N GLY C 135 -1.64 -22.67 4.97
CA GLY C 135 -1.24 -23.38 6.15
C GLY C 135 -1.54 -22.66 7.46
N PRO C 136 -1.33 -23.38 8.58
CA PRO C 136 -1.56 -22.81 9.92
C PRO C 136 -0.69 -21.60 10.20
N ASP C 137 -1.22 -20.68 11.01
CA ASP C 137 -0.56 -19.41 11.25
C ASP C 137 0.15 -19.32 12.61
N GLY C 138 0.44 -20.46 13.24
CA GLY C 138 1.08 -20.41 14.54
C GLY C 138 0.15 -20.21 15.70
N GLY C 139 -1.11 -20.63 15.58
CA GLY C 139 -2.03 -20.53 16.68
C GLY C 139 -2.58 -19.15 16.93
N ILE C 140 -2.51 -18.24 15.96
CA ILE C 140 -3.14 -16.94 16.16
C ILE C 140 -4.61 -17.04 15.76
N LEU C 141 -4.87 -17.30 14.49
CA LEU C 141 -6.23 -17.60 14.09
C LEU C 141 -6.49 -19.08 13.88
N SER C 142 -5.45 -19.89 13.66
CA SER C 142 -5.71 -21.25 13.23
C SER C 142 -6.27 -22.09 14.38
N LYS C 143 -6.97 -23.14 14.00
CA LYS C 143 -7.69 -24.02 14.92
C LYS C 143 -7.05 -25.40 14.98
N PRO C 144 -7.36 -26.19 16.02
CA PRO C 144 -6.81 -27.56 16.09
C PRO C 144 -7.11 -28.41 14.86
N ASP C 145 -8.28 -28.23 14.21
CA ASP C 145 -8.63 -29.03 13.03
C ASP C 145 -7.91 -28.58 11.76
N GLY C 146 -6.98 -27.65 11.84
CA GLY C 146 -6.18 -27.24 10.72
C GLY C 146 -6.70 -26.02 9.98
N THR C 147 -7.96 -25.64 10.17
CA THR C 147 -8.48 -24.50 9.45
C THR C 147 -7.87 -23.18 9.96
N VAL C 148 -7.91 -22.19 9.09
CA VAL C 148 -7.49 -20.84 9.43
C VAL C 148 -8.71 -19.97 9.15
N PRO C 149 -9.64 -19.86 10.11
CA PRO C 149 -10.79 -18.98 9.92
C PRO C 149 -10.37 -17.51 9.95
N LEU C 150 -11.14 -16.70 9.24
CA LEU C 150 -10.85 -15.28 9.12
C LEU C 150 -12.06 -14.51 9.63
N PRO C 151 -12.14 -14.26 10.93
CA PRO C 151 -13.22 -13.40 11.44
C PRO C 151 -13.01 -11.98 10.93
N GLU C 152 -14.04 -11.16 11.10
CA GLU C 152 -13.92 -9.80 10.58
C GLU C 152 -12.79 -9.04 11.25
N VAL C 153 -12.15 -8.17 10.46
CA VAL C 153 -11.05 -7.29 10.86
C VAL C 153 -9.72 -8.04 11.05
N GLU C 154 -9.76 -9.37 11.08
CA GLU C 154 -8.54 -10.12 11.36
C GLU C 154 -7.71 -10.29 10.08
N SER C 155 -6.48 -10.77 10.24
CA SER C 155 -5.62 -10.92 9.08
C SER C 155 -4.70 -12.12 9.25
N VAL C 156 -4.20 -12.61 8.12
CA VAL C 156 -3.20 -13.66 8.05
C VAL C 156 -2.05 -13.14 7.19
N THR C 157 -0.83 -13.33 7.65
CA THR C 157 0.35 -12.83 6.97
C THR C 157 1.15 -13.98 6.37
N ALA C 158 1.70 -13.77 5.18
CA ALA C 158 2.81 -14.57 4.70
C ALA C 158 4.04 -13.69 4.58
N HIS C 159 5.08 -14.02 5.35
CA HIS C 159 6.42 -13.55 5.07
C HIS C 159 7.00 -14.44 3.98
N VAL C 160 7.54 -13.82 2.95
CA VAL C 160 7.87 -14.50 1.71
C VAL C 160 9.31 -14.23 1.34
N ARG C 161 10.04 -15.29 1.03
CA ARG C 161 11.36 -15.14 0.45
C ARG C 161 11.31 -15.61 -1.00
N LEU C 162 11.79 -14.75 -1.89
CA LEU C 162 11.67 -14.96 -3.33
C LEU C 162 12.98 -14.66 -4.02
N ALA C 163 13.38 -15.55 -4.93
CA ALA C 163 14.53 -15.25 -5.77
C ALA C 163 14.33 -15.88 -7.15
N PHE C 164 14.54 -15.09 -8.19
CA PHE C 164 14.54 -15.57 -9.57
C PHE C 164 15.94 -16.00 -9.97
N ARG C 165 16.02 -17.12 -10.70
CA ARG C 165 17.34 -17.60 -11.11
C ARG C 165 18.00 -16.58 -12.00
N GLU C 166 19.34 -16.57 -11.96
CA GLU C 166 20.09 -15.68 -12.83
C GLU C 166 19.75 -15.93 -14.29
N GLY C 167 19.98 -14.91 -15.10
CA GLY C 167 19.79 -15.04 -16.53
C GLY C 167 18.35 -14.96 -16.99
N ILE C 168 17.40 -14.70 -16.09
CA ILE C 168 16.03 -14.45 -16.51
C ILE C 168 15.68 -13.02 -16.10
N THR C 169 14.98 -12.31 -16.99
CA THR C 169 14.69 -10.90 -16.83
C THR C 169 13.30 -10.59 -17.36
N SER C 170 12.73 -9.49 -16.87
CA SER C 170 11.43 -8.99 -17.36
C SER C 170 11.33 -7.49 -17.11
N GLU C 171 10.78 -6.77 -18.10
CA GLU C 171 10.62 -5.32 -18.01
C GLU C 171 9.24 -4.90 -17.50
N HIS C 172 8.30 -5.82 -17.35
CA HIS C 172 7.02 -5.48 -16.76
C HIS C 172 6.49 -6.79 -16.20
N ALA C 173 6.64 -6.97 -14.89
CA ALA C 173 6.25 -8.19 -14.21
C ALA C 173 5.43 -7.81 -12.99
N GLY C 174 4.87 -8.82 -12.33
CA GLY C 174 4.17 -8.45 -11.11
C GLY C 174 3.93 -9.64 -10.24
N ILE C 175 3.55 -9.35 -9.01
CA ILE C 175 3.01 -10.34 -8.11
C ILE C 175 1.60 -9.93 -7.78
N PHE C 176 0.67 -10.87 -7.90
CA PHE C 176 -0.69 -10.70 -7.45
C PHE C 176 -0.93 -11.54 -6.19
N ALA C 177 -1.48 -10.92 -5.17
CA ALA C 177 -1.92 -11.66 -3.99
C ALA C 177 -3.38 -12.04 -4.20
N LEU C 178 -3.67 -13.33 -4.17
CA LEU C 178 -5.03 -13.81 -4.38
C LEU C 178 -5.50 -14.56 -3.15
N PRO C 179 -6.25 -13.92 -2.26
CA PRO C 179 -6.78 -14.61 -1.09
C PRO C 179 -7.72 -15.73 -1.54
N GLY C 180 -7.59 -16.88 -0.91
CA GLY C 180 -8.49 -17.99 -1.14
C GLY C 180 -9.25 -18.30 0.14
N MET C 181 -10.56 -18.60 -0.01
CA MET C 181 -11.42 -18.94 1.10
C MET C 181 -12.27 -20.16 0.78
N LEU C 182 -12.65 -20.89 1.84
CA LEU C 182 -13.68 -21.90 1.73
C LEU C 182 -14.98 -21.28 2.19
N ASP C 183 -15.96 -21.19 1.29
CA ASP C 183 -17.19 -20.48 1.62
C ASP C 183 -17.90 -21.14 2.81
N ALA C 184 -18.04 -22.47 2.78
CA ALA C 184 -18.68 -23.24 3.84
C ALA C 184 -17.72 -24.29 4.37
N PRO C 185 -17.85 -24.70 5.64
CA PRO C 185 -16.97 -25.74 6.17
C PRO C 185 -17.07 -27.00 5.34
N GLY C 186 -15.93 -27.62 5.09
CA GLY C 186 -15.94 -28.81 4.26
C GLY C 186 -16.10 -28.56 2.78
N ASP C 187 -15.80 -27.36 2.29
CA ASP C 187 -15.75 -27.13 0.86
C ASP C 187 -14.41 -27.56 0.30
N LYS C 188 -14.37 -27.80 -1.00
CA LYS C 188 -13.15 -28.25 -1.65
C LYS C 188 -12.60 -27.12 -2.51
N SER C 189 -11.29 -27.03 -2.58
CA SER C 189 -10.66 -26.02 -3.40
C SER C 189 -10.97 -26.30 -4.87
N ILE C 190 -11.25 -25.23 -5.61
CA ILE C 190 -11.78 -25.38 -6.96
C ILE C 190 -10.72 -25.30 -8.05
N ILE C 191 -9.57 -24.71 -7.79
CA ILE C 191 -8.50 -24.58 -8.78
C ILE C 191 -7.38 -25.53 -8.36
N PRO C 192 -7.02 -26.50 -9.20
CA PRO C 192 -6.03 -27.50 -8.81
C PRO C 192 -4.70 -26.86 -8.47
N GLY C 193 -4.27 -27.03 -7.22
CA GLY C 193 -3.03 -26.49 -6.76
C GLY C 193 -3.16 -25.22 -5.95
N LEU C 194 -4.31 -24.54 -6.01
CA LEU C 194 -4.52 -23.32 -5.24
C LEU C 194 -5.50 -23.56 -4.10
N PHE C 195 -5.49 -22.66 -3.13
CA PHE C 195 -6.41 -22.79 -2.01
C PHE C 195 -7.68 -22.02 -2.27
N GLY C 196 -8.82 -22.66 -2.04
CA GLY C 196 -10.08 -21.95 -1.99
C GLY C 196 -11.05 -22.38 -3.07
N ASN C 197 -12.34 -22.31 -2.78
CA ASN C 197 -13.38 -22.39 -3.80
C ASN C 197 -14.00 -21.04 -4.10
N VAL C 198 -13.71 -20.01 -3.30
CA VAL C 198 -14.01 -18.63 -3.62
C VAL C 198 -12.75 -17.82 -3.34
N PHE C 199 -12.73 -16.57 -3.83
CA PHE C 199 -11.50 -15.81 -3.77
C PHE C 199 -11.76 -14.37 -3.35
N GLY C 200 -10.71 -13.73 -2.86
CA GLY C 200 -10.78 -12.35 -2.44
C GLY C 200 -10.35 -11.41 -3.54
N ARG C 201 -10.13 -10.16 -3.17
CA ARG C 201 -9.80 -9.10 -4.12
C ARG C 201 -8.32 -9.20 -4.47
N LEU C 202 -8.05 -9.36 -5.76
CA LEU C 202 -6.68 -9.41 -6.27
C LEU C 202 -5.94 -8.13 -5.93
N GLN C 203 -4.72 -8.27 -5.43
CA GLN C 203 -3.84 -7.13 -5.13
C GLN C 203 -2.57 -7.23 -5.96
N GLN C 204 -2.08 -6.10 -6.43
CA GLN C 204 -0.99 -6.12 -7.39
C GLN C 204 0.27 -5.46 -6.83
N ALA C 205 1.43 -5.97 -7.25
CA ALA C 205 2.72 -5.28 -7.06
C ALA C 205 3.50 -5.38 -8.36
N SER C 206 3.63 -4.27 -9.10
CA SER C 206 4.37 -4.24 -10.36
C SER C 206 5.85 -3.97 -10.11
N PHE C 207 6.70 -4.66 -10.84
CA PHE C 207 8.14 -4.49 -10.71
C PHE C 207 8.82 -4.87 -12.03
N ARG C 208 10.09 -4.51 -12.14
CA ARG C 208 11.00 -4.99 -13.19
C ARG C 208 11.98 -5.99 -12.60
N LEU C 209 12.28 -7.03 -13.36
CA LEU C 209 13.31 -8.01 -13.04
C LEU C 209 14.48 -7.75 -13.99
N GLY C 210 15.54 -7.16 -13.47
CA GLY C 210 16.65 -6.69 -14.29
C GLY C 210 17.52 -5.70 -13.52
N GLU C 211 18.11 -4.74 -14.24
CA GLU C 211 19.02 -3.78 -13.64
C GLU C 211 18.31 -2.54 -13.14
N GLY C 212 18.83 -1.99 -12.04
CA GLY C 212 18.29 -0.78 -11.45
C GLY C 212 18.46 0.40 -12.37
N PRO C 213 17.87 1.54 -12.01
CA PRO C 213 17.98 2.72 -12.87
C PRO C 213 19.37 3.35 -12.80
N SER C 214 19.87 3.71 -13.96
CA SER C 214 21.03 4.58 -14.07
C SER C 214 20.69 5.97 -13.58
N SER C 215 21.71 6.70 -13.15
CA SER C 215 21.49 8.08 -12.71
C SER C 215 20.89 8.91 -13.84
N LEU C 216 19.84 9.66 -13.51
CA LEU C 216 19.26 10.58 -14.49
C LEU C 216 20.05 11.89 -14.59
N TYR C 217 20.77 12.27 -13.54
CA TYR C 217 21.59 13.46 -13.59
C TYR C 217 23.03 13.07 -13.93
AS CAC D . 12.92 -23.41 -18.32
O1 CAC D . 11.61 -22.35 -17.89
O2 CAC D . 13.53 -24.15 -16.85
C1 CAC D . 12.27 -24.80 -19.54
C2 CAC D . 14.34 -22.38 -19.20
CL CL E . 17.22 -7.63 -5.72
#